data_6MBP
#
_entry.id   6MBP
#
_cell.length_a   95.510
_cell.length_b   95.510
_cell.length_c   147.201
_cell.angle_alpha   90.00
_cell.angle_beta   90.00
_cell.angle_gamma   120.00
#
_symmetry.space_group_name_H-M   'P 31 2 1'
#
loop_
_entity.id
_entity.type
_entity.pdbx_description
1 polymer 'Histone-lysine N-methyltransferase EHMT1'
2 non-polymer 2-cyclohexyl-7-methoxy-N-[1-(propan-2-yl)piperidin-4-yl]-8-[3-(pyrrolidin-1-yl)propoxy]-3H-1,4-benzodiazepin-5-amine
3 non-polymer 'ZINC ION'
4 non-polymer S-ADENOSYL-L-HOMOCYSTEINE
5 non-polymer 1,2-ETHANEDIOL
6 water water
#
_entity_poly.entity_id   1
_entity_poly.type   'polypeptide(L)'
_entity_poly.pdbx_seq_one_letter_code
;VERIVSRDIARGYERIPIPCVNAVDSEPCPSNYKYVSQNCVTSPMNIDRNITHLQYCVCIDDCSSSNCMCGQLSMRCWYD
KDGRLLPEFNMAEPPLIFECNHACSCWRNCRNRVVQNGLRARLQLYRTRDMGWGVRSLQDIPPGTFVCEYVGELISDSEA
DVREEDSYLFDLDNKDGEVYCIDARFYGNVSRFINHHCEPNLVPVRVFMAHQDLRFPRIAFFSTRLIEAGEQLGFDYGER
FWDIKGKLFSCRCGSPKCRHS
;
_entity_poly.pdbx_strand_id   A,B
#
# COMPACT_ATOMS: atom_id res chain seq x y z
N VAL A 1 -35.80 -7.05 -16.76
CA VAL A 1 -34.88 -5.92 -16.79
C VAL A 1 -33.71 -6.20 -15.85
N GLU A 2 -32.56 -5.61 -16.16
CA GLU A 2 -31.35 -5.80 -15.35
C GLU A 2 -31.30 -4.69 -14.31
N ARG A 3 -31.46 -5.07 -13.04
CA ARG A 3 -31.43 -4.09 -11.96
C ARG A 3 -29.99 -3.85 -11.52
N ILE A 4 -29.58 -2.59 -11.51
CA ILE A 4 -28.29 -2.19 -10.96
C ILE A 4 -28.46 -2.05 -9.45
N VAL A 5 -27.88 -2.99 -8.70
CA VAL A 5 -28.00 -2.98 -7.24
C VAL A 5 -26.78 -2.40 -6.54
N SER A 6 -25.68 -2.15 -7.27
CA SER A 6 -24.56 -1.40 -6.71
C SER A 6 -23.75 -0.80 -7.85
N ARG A 7 -23.34 0.46 -7.68
CA ARG A 7 -22.44 1.10 -8.63
C ARG A 7 -20.99 0.66 -8.48
N ASP A 8 -20.60 0.24 -7.28
CA ASP A 8 -19.22 -0.22 -7.07
C ASP A 8 -19.17 -0.95 -5.73
N ILE A 9 -19.01 -2.28 -5.75
CA ILE A 9 -18.96 -3.04 -4.51
C ILE A 9 -17.67 -2.77 -3.75
N ALA A 10 -16.65 -2.22 -4.41
CA ALA A 10 -15.38 -1.88 -3.77
C ALA A 10 -15.34 -0.48 -3.17
N ARG A 11 -16.40 0.31 -3.33
CA ARG A 11 -16.50 1.67 -2.76
C ARG A 11 -15.26 2.50 -3.07
N GLY A 12 -14.76 2.38 -4.30
CA GLY A 12 -13.67 3.20 -4.75
C GLY A 12 -12.28 2.68 -4.41
N TYR A 13 -12.16 1.52 -3.78
CA TYR A 13 -10.85 0.98 -3.42
C TYR A 13 -10.10 0.34 -4.58
N GLU A 14 -10.74 0.07 -5.71
CA GLU A 14 -10.02 -0.45 -6.86
C GLU A 14 -9.82 0.67 -7.89
N ARG A 15 -8.91 0.43 -8.84
CA ARG A 15 -8.66 1.41 -9.90
C ARG A 15 -9.89 1.63 -10.78
N ILE A 16 -10.80 0.67 -10.80
CA ILE A 16 -11.96 0.67 -11.67
C ILE A 16 -13.15 0.30 -10.78
N PRO A 17 -14.34 0.87 -10.98
CA PRO A 17 -15.51 0.41 -10.23
C PRO A 17 -15.89 -1.01 -10.62
N ILE A 18 -16.47 -1.74 -9.68
CA ILE A 18 -17.00 -3.08 -9.94
C ILE A 18 -18.48 -3.07 -9.62
N PRO A 19 -19.35 -2.76 -10.57
CA PRO A 19 -20.79 -2.69 -10.28
C PRO A 19 -21.38 -4.08 -10.06
N CYS A 20 -22.56 -4.10 -9.47
CA CYS A 20 -23.32 -5.34 -9.24
C CYS A 20 -24.70 -5.22 -9.86
N VAL A 21 -25.11 -6.23 -10.62
CA VAL A 21 -26.40 -6.22 -11.31
C VAL A 21 -27.10 -7.54 -11.05
N ASN A 22 -28.42 -7.53 -11.22
CA ASN A 22 -29.24 -8.72 -10.98
C ASN A 22 -30.41 -8.70 -11.96
N ALA A 23 -30.34 -9.57 -12.97
CA ALA A 23 -31.42 -9.75 -13.93
C ALA A 23 -32.22 -11.03 -13.68
N VAL A 24 -32.00 -11.69 -12.56
CA VAL A 24 -32.56 -13.01 -12.30
C VAL A 24 -33.68 -12.96 -11.27
N ASP A 25 -33.42 -12.37 -10.10
CA ASP A 25 -34.39 -12.39 -9.00
C ASP A 25 -34.33 -11.05 -8.28
N SER A 26 -34.90 -11.00 -7.07
CA SER A 26 -34.98 -9.77 -6.31
C SER A 26 -33.95 -9.69 -5.18
N GLU A 27 -32.93 -10.53 -5.22
CA GLU A 27 -31.88 -10.47 -4.19
C GLU A 27 -31.10 -9.16 -4.30
N PRO A 28 -30.87 -8.45 -3.21
CA PRO A 28 -30.06 -7.23 -3.25
C PRO A 28 -28.57 -7.57 -3.34
N CYS A 29 -27.76 -6.52 -3.52
CA CYS A 29 -26.32 -6.66 -3.53
C CYS A 29 -25.86 -7.40 -2.28
N PRO A 30 -24.93 -8.35 -2.40
CA PRO A 30 -24.44 -9.07 -1.22
C PRO A 30 -23.82 -8.12 -0.20
N SER A 31 -24.18 -8.31 1.07
CA SER A 31 -23.68 -7.42 2.11
C SER A 31 -23.27 -8.17 3.37
N ASN A 32 -23.17 -9.50 3.34
CA ASN A 32 -22.83 -10.28 4.54
CA ASN A 32 -22.83 -10.28 4.54
C ASN A 32 -21.33 -10.51 4.67
N TYR A 33 -20.53 -9.55 4.22
CA TYR A 33 -19.07 -9.63 4.29
C TYR A 33 -18.56 -8.20 4.27
N LYS A 34 -17.26 -8.03 4.49
CA LYS A 34 -16.62 -6.73 4.41
C LYS A 34 -15.65 -6.72 3.24
N TYR A 35 -15.87 -5.83 2.27
CA TYR A 35 -14.98 -5.75 1.12
C TYR A 35 -13.66 -5.13 1.53
N VAL A 36 -12.56 -5.84 1.28
CA VAL A 36 -11.22 -5.30 1.44
C VAL A 36 -10.45 -5.55 0.15
N SER A 37 -9.64 -4.57 -0.25
CA SER A 37 -8.88 -4.69 -1.49
C SER A 37 -7.51 -5.35 -1.30
N GLN A 38 -7.08 -5.57 -0.07
CA GLN A 38 -5.83 -6.29 0.16
C GLN A 38 -5.97 -7.13 1.43
N ASN A 39 -5.07 -8.10 1.57
CA ASN A 39 -5.20 -9.09 2.63
C ASN A 39 -5.12 -8.44 4.00
N CYS A 40 -5.83 -9.02 4.96
CA CYS A 40 -5.83 -8.53 6.33
C CYS A 40 -5.61 -9.71 7.27
N VAL A 41 -5.44 -9.42 8.55
CA VAL A 41 -5.34 -10.47 9.57
C VAL A 41 -6.21 -10.07 10.74
N THR A 42 -6.64 -11.08 11.51
CA THR A 42 -7.11 -10.83 12.85
C THR A 42 -6.05 -11.23 13.87
N SER A 43 -5.78 -12.52 14.00
CA SER A 43 -4.68 -12.91 14.87
C SER A 43 -3.34 -12.66 14.17
N PRO A 44 -2.30 -12.31 14.93
CA PRO A 44 -1.03 -11.90 14.30
C PRO A 44 -0.40 -13.03 13.49
N MET A 45 0.26 -12.66 12.39
CA MET A 45 0.87 -13.64 11.50
C MET A 45 2.40 -13.60 11.48
N ASN A 46 3.03 -12.57 12.07
CA ASN A 46 4.48 -12.45 12.15
CA ASN A 46 4.49 -12.43 12.15
C ASN A 46 5.16 -12.69 10.80
N ILE A 47 4.63 -12.03 9.77
CA ILE A 47 5.26 -12.04 8.44
C ILE A 47 6.63 -11.38 8.54
N ASP A 48 7.64 -12.00 7.94
CA ASP A 48 8.98 -11.42 7.96
C ASP A 48 9.02 -10.21 7.04
N ARG A 49 9.15 -9.01 7.62
CA ARG A 49 9.20 -7.78 6.83
CA ARG A 49 9.19 -7.78 6.84
C ARG A 49 10.54 -7.07 6.95
N ASN A 50 11.55 -7.74 7.49
CA ASN A 50 12.90 -7.19 7.55
C ASN A 50 13.38 -6.85 6.14
N ILE A 51 13.60 -5.56 5.87
CA ILE A 51 13.95 -5.14 4.51
C ILE A 51 15.27 -5.77 4.08
N THR A 52 16.17 -6.08 5.01
CA THR A 52 17.43 -6.68 4.62
C THR A 52 17.31 -8.15 4.26
N HIS A 53 16.16 -8.77 4.51
CA HIS A 53 15.94 -10.16 4.11
C HIS A 53 15.39 -10.30 2.69
N LEU A 54 15.05 -9.21 2.02
CA LEU A 54 14.58 -9.30 0.65
C LEU A 54 15.72 -9.61 -0.31
N GLN A 55 15.45 -10.50 -1.25
CA GLN A 55 16.31 -10.63 -2.41
C GLN A 55 15.85 -9.61 -3.44
N TYR A 56 16.82 -9.01 -4.13
CA TYR A 56 16.50 -7.88 -5.00
C TYR A 56 17.45 -7.88 -6.18
N CYS A 57 17.14 -7.06 -7.17
CA CYS A 57 17.98 -6.93 -8.35
C CYS A 57 18.69 -5.59 -8.36
N VAL A 58 19.77 -5.52 -9.14
CA VAL A 58 20.55 -4.30 -9.28
C VAL A 58 20.50 -3.78 -10.70
N CYS A 59 19.43 -4.10 -11.43
CA CYS A 59 19.37 -3.80 -12.86
C CYS A 59 19.49 -2.31 -13.13
N ILE A 60 20.23 -1.96 -14.20
CA ILE A 60 20.37 -0.57 -14.62
C ILE A 60 19.44 -0.23 -15.77
N ASP A 61 18.57 -1.16 -16.14
CA ASP A 61 17.65 -1.02 -17.27
C ASP A 61 16.24 -1.20 -16.75
N ASP A 62 15.27 -1.51 -17.63
CA ASP A 62 13.89 -1.77 -17.23
C ASP A 62 13.63 -3.22 -16.80
N CYS A 63 14.66 -3.96 -16.35
CA CYS A 63 14.50 -5.34 -15.88
C CYS A 63 13.98 -6.26 -16.97
N SER A 64 14.37 -6.01 -18.22
CA SER A 64 13.99 -6.88 -19.31
C SER A 64 15.13 -7.75 -19.78
N SER A 65 16.30 -7.70 -19.13
CA SER A 65 17.42 -8.52 -19.57
C SER A 65 17.46 -9.84 -18.80
N SER A 66 18.32 -10.73 -19.27
CA SER A 66 18.48 -12.02 -18.63
C SER A 66 19.11 -11.93 -17.24
N ASN A 67 19.74 -10.81 -16.89
CA ASN A 67 20.50 -10.73 -15.65
C ASN A 67 19.67 -10.33 -14.43
N CYS A 68 18.39 -10.01 -14.59
CA CYS A 68 17.58 -9.56 -13.46
C CYS A 68 17.47 -10.67 -12.43
N MET A 69 17.95 -10.39 -11.21
CA MET A 69 17.93 -11.38 -10.14
C MET A 69 16.50 -11.79 -9.78
N CYS A 70 15.55 -10.87 -9.85
CA CYS A 70 14.17 -11.21 -9.50
C CYS A 70 13.55 -12.11 -10.56
N GLY A 71 13.85 -11.86 -11.83
CA GLY A 71 13.45 -12.81 -12.87
C GLY A 71 14.07 -14.18 -12.67
N GLN A 72 15.34 -14.21 -12.26
CA GLN A 72 16.00 -15.49 -12.03
C GLN A 72 15.30 -16.29 -10.94
N LEU A 73 14.86 -15.62 -9.88
CA LEU A 73 14.09 -16.28 -8.82
C LEU A 73 12.82 -16.91 -9.36
N SER A 74 12.19 -16.27 -10.36
CA SER A 74 10.98 -16.72 -11.03
C SER A 74 11.27 -17.75 -12.12
N MET A 75 12.56 -18.12 -12.20
CA MET A 75 13.23 -18.94 -13.20
CA MET A 75 13.21 -18.96 -13.22
C MET A 75 13.43 -18.19 -14.52
N ARG A 76 12.66 -17.12 -14.72
CA ARG A 76 12.81 -16.09 -15.74
CA ARG A 76 12.82 -16.07 -15.72
C ARG A 76 11.67 -15.11 -15.50
N CYS A 77 11.80 -13.90 -16.02
CA CYS A 77 10.66 -12.98 -15.96
C CYS A 77 9.64 -13.46 -16.99
N TRP A 78 8.41 -13.72 -16.55
CA TRP A 78 7.42 -14.27 -17.46
C TRP A 78 6.54 -13.21 -18.10
N TYR A 79 6.79 -11.92 -17.84
CA TYR A 79 5.94 -10.85 -18.31
C TYR A 79 6.50 -10.25 -19.60
N ASP A 80 5.63 -10.05 -20.59
CA ASP A 80 6.04 -9.35 -21.79
C ASP A 80 5.91 -7.84 -21.55
N LYS A 81 6.13 -7.04 -22.61
CA LYS A 81 6.15 -5.58 -22.48
C LYS A 81 4.79 -5.02 -22.07
N ASP A 82 3.70 -5.73 -22.36
CA ASP A 82 2.36 -5.32 -21.98
C ASP A 82 1.94 -5.86 -20.62
N GLY A 83 2.84 -6.54 -19.90
CA GLY A 83 2.51 -7.10 -18.61
C GLY A 83 1.79 -8.43 -18.65
N ARG A 84 1.79 -9.12 -19.78
CA ARG A 84 1.11 -10.40 -19.91
CA ARG A 84 1.10 -10.40 -19.92
C ARG A 84 2.10 -11.57 -19.90
N LEU A 85 1.63 -12.70 -19.39
CA LEU A 85 2.48 -13.89 -19.32
C LEU A 85 2.86 -14.37 -20.71
N LEU A 86 4.13 -14.73 -20.87
CA LEU A 86 4.63 -15.28 -22.12
C LEU A 86 3.88 -16.58 -22.46
N PRO A 87 3.75 -16.89 -23.75
CA PRO A 87 3.09 -18.17 -24.13
C PRO A 87 3.79 -19.40 -23.56
N GLU A 88 5.08 -19.33 -23.23
CA GLU A 88 5.78 -20.46 -22.65
C GLU A 88 5.45 -20.71 -21.18
N PHE A 89 4.70 -19.80 -20.54
CA PHE A 89 4.34 -19.96 -19.13
C PHE A 89 3.57 -21.25 -18.92
N ASN A 90 3.98 -22.03 -17.93
CA ASN A 90 3.35 -23.34 -17.68
C ASN A 90 2.10 -23.13 -16.83
N MET A 91 0.93 -23.05 -17.48
CA MET A 91 -0.32 -22.86 -16.75
C MET A 91 -0.69 -24.09 -15.94
N ALA A 92 -0.24 -25.27 -16.36
CA ALA A 92 -0.60 -26.49 -15.65
C ALA A 92 0.12 -26.59 -14.31
N GLU A 93 1.38 -26.11 -14.25
CA GLU A 93 2.15 -26.09 -13.01
C GLU A 93 2.94 -24.78 -12.95
N PRO A 94 2.30 -23.70 -12.50
CA PRO A 94 2.96 -22.41 -12.53
C PRO A 94 4.13 -22.36 -11.56
N PRO A 95 5.20 -21.65 -11.89
CA PRO A 95 6.25 -21.40 -10.91
C PRO A 95 5.87 -20.26 -9.99
N LEU A 96 6.65 -20.10 -8.92
CA LEU A 96 6.53 -18.92 -8.07
C LEU A 96 7.04 -17.70 -8.83
N ILE A 97 6.33 -16.58 -8.71
CA ILE A 97 6.73 -15.33 -9.35
C ILE A 97 7.21 -14.37 -8.28
N PHE A 98 8.42 -13.85 -8.44
CA PHE A 98 8.97 -12.81 -7.58
C PHE A 98 9.00 -11.52 -8.39
N GLU A 99 8.11 -10.59 -8.05
CA GLU A 99 8.15 -9.28 -8.68
C GLU A 99 9.24 -8.46 -8.04
N CYS A 100 9.62 -7.38 -8.74
CA CYS A 100 10.57 -6.45 -8.14
C CYS A 100 9.90 -5.73 -6.96
N ASN A 101 10.74 -5.22 -6.05
CA ASN A 101 10.25 -4.67 -4.79
C ASN A 101 11.03 -3.40 -4.49
N HIS A 102 10.77 -2.83 -3.30
CA HIS A 102 11.36 -1.56 -2.95
C HIS A 102 12.84 -1.66 -2.60
N ALA A 103 13.39 -2.86 -2.45
CA ALA A 103 14.82 -3.00 -2.27
C ALA A 103 15.59 -3.04 -3.59
N CYS A 104 14.91 -3.31 -4.71
CA CYS A 104 15.59 -3.33 -6.00
C CYS A 104 16.09 -1.95 -6.40
N SER A 105 17.13 -1.93 -7.25
CA SER A 105 17.69 -0.70 -7.79
C SER A 105 16.87 -0.12 -8.93
N CYS A 106 15.95 -0.90 -9.52
CA CYS A 106 15.23 -0.49 -10.71
C CYS A 106 14.16 0.54 -10.37
N TRP A 107 13.51 1.07 -11.41
CA TRP A 107 12.45 2.04 -11.26
C TRP A 107 11.10 1.36 -11.06
N ARG A 108 10.16 2.13 -10.52
CA ARG A 108 8.82 1.62 -10.21
C ARG A 108 8.06 1.18 -11.45
N ASN A 109 8.47 1.62 -12.64
CA ASN A 109 7.80 1.24 -13.88
C ASN A 109 8.51 0.12 -14.64
N CYS A 110 9.37 -0.65 -13.97
CA CYS A 110 10.12 -1.69 -14.67
C CYS A 110 9.18 -2.82 -15.11
N ARG A 111 9.72 -3.73 -15.93
CA ARG A 111 8.91 -4.77 -16.55
C ARG A 111 8.37 -5.79 -15.55
N ASN A 112 9.10 -6.02 -14.45
CA ASN A 112 8.76 -7.12 -13.55
C ASN A 112 7.84 -6.66 -12.42
N ARG A 113 6.77 -5.95 -12.80
CA ARG A 113 5.80 -5.37 -11.86
C ARG A 113 4.45 -5.40 -12.58
N VAL A 114 3.58 -6.32 -12.17
CA VAL A 114 2.26 -6.47 -12.76
C VAL A 114 1.20 -6.59 -11.68
N VAL A 115 1.34 -7.60 -10.82
CA VAL A 115 0.32 -7.81 -9.78
C VAL A 115 0.34 -6.66 -8.79
N GLN A 116 1.51 -6.08 -8.53
CA GLN A 116 1.58 -4.95 -7.60
C GLN A 116 0.93 -3.68 -8.15
N ASN A 117 0.53 -3.67 -9.41
CA ASN A 117 -0.14 -2.52 -9.99
C ASN A 117 -1.66 -2.58 -9.84
N GLY A 118 -2.18 -3.66 -9.29
CA GLY A 118 -3.59 -3.71 -8.93
C GLY A 118 -4.49 -4.13 -10.08
N LEU A 119 -5.76 -4.30 -9.72
CA LEU A 119 -6.77 -4.73 -10.68
C LEU A 119 -6.95 -3.67 -11.76
N ARG A 120 -7.03 -4.11 -13.02
CA ARG A 120 -7.23 -3.20 -14.13
C ARG A 120 -8.46 -3.51 -14.97
N ALA A 121 -8.83 -4.78 -15.13
CA ALA A 121 -9.96 -5.14 -15.99
C ALA A 121 -11.28 -4.61 -15.43
N ARG A 122 -12.22 -4.31 -16.34
CA ARG A 122 -13.58 -3.94 -15.96
C ARG A 122 -14.37 -5.21 -15.72
N LEU A 123 -14.68 -5.47 -14.45
CA LEU A 123 -15.41 -6.65 -14.02
C LEU A 123 -16.78 -6.26 -13.48
N GLN A 124 -17.63 -7.26 -13.26
CA GLN A 124 -19.00 -7.00 -12.82
C GLN A 124 -19.49 -8.18 -12.00
N LEU A 125 -20.03 -7.90 -10.81
CA LEU A 125 -20.72 -8.91 -10.02
C LEU A 125 -22.14 -9.05 -10.56
N TYR A 126 -22.59 -10.28 -10.77
CA TYR A 126 -23.91 -10.44 -11.35
C TYR A 126 -24.55 -11.72 -10.82
N ARG A 127 -25.87 -11.77 -10.88
CA ARG A 127 -26.63 -12.91 -10.37
C ARG A 127 -26.75 -13.96 -11.47
N THR A 128 -26.27 -15.17 -11.21
CA THR A 128 -26.42 -16.27 -12.16
C THR A 128 -27.75 -16.96 -11.93
N ARG A 129 -28.06 -17.93 -12.80
CA ARG A 129 -29.32 -18.64 -12.66
CA ARG A 129 -29.32 -18.65 -12.68
C ARG A 129 -29.25 -19.77 -11.64
N ASP A 130 -28.11 -20.47 -11.56
CA ASP A 130 -28.10 -21.62 -10.65
C ASP A 130 -26.81 -21.74 -9.86
N MET A 131 -26.03 -20.67 -9.76
CA MET A 131 -24.79 -20.68 -8.98
C MET A 131 -24.70 -19.52 -7.99
N GLY A 132 -25.80 -18.83 -7.71
CA GLY A 132 -25.70 -17.64 -6.88
C GLY A 132 -25.06 -16.49 -7.63
N TRP A 133 -24.21 -15.73 -6.94
CA TRP A 133 -23.51 -14.62 -7.57
C TRP A 133 -22.28 -15.14 -8.32
N GLY A 134 -21.89 -14.39 -9.36
CA GLY A 134 -20.73 -14.72 -10.16
C GLY A 134 -20.08 -13.42 -10.60
N VAL A 135 -18.92 -13.55 -11.24
CA VAL A 135 -18.18 -12.39 -11.75
C VAL A 135 -17.99 -12.57 -13.25
N ARG A 136 -18.23 -11.51 -14.01
CA ARG A 136 -17.97 -11.52 -15.44
C ARG A 136 -17.08 -10.34 -15.80
N SER A 137 -16.42 -10.48 -16.94
CA SER A 137 -15.66 -9.38 -17.53
C SER A 137 -16.58 -8.56 -18.42
N LEU A 138 -16.46 -7.24 -18.35
CA LEU A 138 -17.21 -6.36 -19.24
C LEU A 138 -16.43 -6.04 -20.52
N GLN A 139 -15.19 -6.50 -20.62
CA GLN A 139 -14.32 -6.22 -21.75
C GLN A 139 -13.57 -7.50 -22.15
N ASP A 140 -13.05 -7.51 -23.37
CA ASP A 140 -12.15 -8.58 -23.77
C ASP A 140 -10.89 -8.55 -22.91
N ILE A 141 -10.44 -9.73 -22.47
CA ILE A 141 -9.21 -9.85 -21.69
C ILE A 141 -8.24 -10.75 -22.46
N PRO A 142 -7.12 -10.23 -22.94
CA PRO A 142 -6.18 -11.05 -23.73
C PRO A 142 -5.58 -12.16 -22.88
N PRO A 143 -5.10 -13.24 -23.49
CA PRO A 143 -4.48 -14.34 -22.73
C PRO A 143 -3.31 -13.87 -21.88
N GLY A 144 -3.15 -14.49 -20.71
CA GLY A 144 -2.02 -14.19 -19.86
C GLY A 144 -2.07 -12.86 -19.13
N THR A 145 -3.26 -12.27 -19.03
CA THR A 145 -3.45 -11.00 -18.35
C THR A 145 -3.75 -11.22 -16.87
N PHE A 146 -3.15 -10.40 -16.00
CA PHE A 146 -3.53 -10.43 -14.59
C PHE A 146 -4.94 -9.87 -14.43
N VAL A 147 -5.83 -10.65 -13.82
CA VAL A 147 -7.22 -10.25 -13.70
C VAL A 147 -7.54 -9.74 -12.29
N CYS A 148 -7.32 -10.56 -11.27
CA CYS A 148 -7.56 -10.12 -9.91
C CYS A 148 -6.83 -11.03 -8.94
N GLU A 149 -6.71 -10.58 -7.70
CA GLU A 149 -6.02 -11.33 -6.64
C GLU A 149 -7.06 -11.96 -5.72
N TYR A 150 -6.77 -13.15 -5.19
CA TYR A 150 -7.67 -13.73 -4.17
C TYR A 150 -7.29 -13.11 -2.83
N VAL A 151 -8.12 -12.19 -2.36
CA VAL A 151 -7.85 -11.41 -1.16
C VAL A 151 -8.79 -11.85 -0.04
N GLY A 152 -8.26 -11.94 1.17
CA GLY A 152 -9.10 -12.25 2.32
C GLY A 152 -8.32 -12.13 3.61
N GLU A 153 -8.81 -12.86 4.61
CA GLU A 153 -8.20 -12.90 5.93
C GLU A 153 -7.20 -14.05 6.00
N LEU A 154 -5.96 -13.72 6.32
CA LEU A 154 -4.89 -14.72 6.46
CA LEU A 154 -4.90 -14.70 6.46
C LEU A 154 -5.00 -15.41 7.81
N ILE A 155 -5.18 -16.75 7.78
CA ILE A 155 -5.38 -17.53 9.00
C ILE A 155 -4.52 -18.78 8.96
N SER A 156 -4.28 -19.34 10.13
CA SER A 156 -3.52 -20.58 10.23
C SER A 156 -4.39 -21.78 9.88
N ASP A 157 -3.74 -22.93 9.69
CA ASP A 157 -4.47 -24.16 9.43
C ASP A 157 -5.36 -24.55 10.61
N SER A 158 -4.87 -24.39 11.84
CA SER A 158 -5.69 -24.77 12.98
C SER A 158 -6.88 -23.84 13.16
N GLU A 159 -6.76 -22.57 12.77
CA GLU A 159 -7.91 -21.67 12.76
C GLU A 159 -8.91 -22.07 11.69
N ALA A 160 -8.42 -22.43 10.50
CA ALA A 160 -9.33 -22.87 9.44
C ALA A 160 -10.09 -24.13 9.83
N ASP A 161 -9.45 -25.02 10.58
CA ASP A 161 -10.09 -26.28 10.95
C ASP A 161 -11.17 -26.11 12.02
N VAL A 162 -11.50 -24.89 12.43
CA VAL A 162 -12.58 -24.68 13.38
C VAL A 162 -13.56 -23.64 12.85
N ARG A 163 -13.46 -23.31 11.57
CA ARG A 163 -14.40 -22.37 10.96
C ARG A 163 -15.58 -23.12 10.37
N GLU A 164 -16.79 -22.65 10.70
CA GLU A 164 -18.01 -23.33 10.26
C GLU A 164 -18.16 -23.27 8.75
N GLU A 165 -17.86 -22.12 8.15
CA GLU A 165 -18.00 -21.93 6.71
C GLU A 165 -16.63 -22.11 6.05
N ASP A 166 -16.53 -23.08 5.15
CA ASP A 166 -15.29 -23.38 4.45
C ASP A 166 -15.36 -23.13 2.95
N SER A 167 -16.45 -22.54 2.45
CA SER A 167 -16.59 -22.37 1.01
C SER A 167 -15.78 -21.22 0.44
N TYR A 168 -15.11 -20.42 1.29
CA TYR A 168 -14.32 -19.29 0.83
C TYR A 168 -12.85 -19.41 1.21
N LEU A 169 -12.36 -20.62 1.49
CA LEU A 169 -10.97 -20.84 1.84
C LEU A 169 -10.12 -21.03 0.58
N PHE A 170 -8.94 -20.42 0.55
CA PHE A 170 -7.92 -20.71 -0.44
C PHE A 170 -6.69 -21.22 0.27
N ASP A 171 -6.29 -22.47 0.00
CA ASP A 171 -5.17 -23.09 0.70
C ASP A 171 -3.84 -22.56 0.18
N LEU A 172 -2.98 -22.12 1.11
CA LEU A 172 -1.59 -21.84 0.80
C LEU A 172 -0.73 -23.01 1.26
N ASP A 173 -0.78 -24.09 0.50
CA ASP A 173 -0.10 -25.32 0.90
C ASP A 173 1.42 -25.13 0.97
N ASN A 174 2.04 -25.79 1.94
CA ASN A 174 3.47 -25.70 2.17
C ASN A 174 4.05 -27.11 2.27
N LYS A 175 4.95 -27.46 1.34
CA LYS A 175 5.54 -28.80 1.36
C LYS A 175 6.36 -29.03 2.62
N ASP A 176 6.93 -27.96 3.19
CA ASP A 176 7.69 -28.04 4.43
C ASP A 176 7.21 -26.93 5.37
N GLY A 177 6.83 -27.32 6.57
CA GLY A 177 6.50 -26.36 7.61
C GLY A 177 5.03 -26.03 7.73
N GLU A 178 4.76 -24.94 8.45
CA GLU A 178 3.41 -24.51 8.76
C GLU A 178 2.63 -24.14 7.50
N VAL A 179 1.34 -24.47 7.50
CA VAL A 179 0.46 -24.20 6.37
C VAL A 179 -0.59 -23.17 6.77
N TYR A 180 -0.89 -22.26 5.86
CA TYR A 180 -1.82 -21.17 6.10
C TYR A 180 -2.89 -21.15 5.02
N CYS A 181 -3.83 -20.23 5.18
CA CYS A 181 -5.04 -20.23 4.39
C CYS A 181 -5.51 -18.77 4.26
N ILE A 182 -6.13 -18.45 3.14
CA ILE A 182 -6.85 -17.18 2.99
C ILE A 182 -8.34 -17.47 3.07
N ASP A 183 -9.00 -16.89 4.06
CA ASP A 183 -10.45 -17.05 4.22
C ASP A 183 -11.13 -15.77 3.77
N ALA A 184 -11.94 -15.85 2.72
CA ALA A 184 -12.63 -14.66 2.22
C ALA A 184 -14.09 -14.58 2.68
N ARG A 185 -14.47 -15.43 3.65
CA ARG A 185 -15.84 -15.43 4.16
C ARG A 185 -16.21 -14.08 4.78
N PHE A 186 -15.39 -13.57 5.70
CA PHE A 186 -15.76 -12.37 6.44
C PHE A 186 -15.14 -11.11 5.87
N TYR A 187 -13.94 -11.22 5.28
CA TYR A 187 -13.25 -10.13 4.63
C TYR A 187 -12.76 -10.66 3.29
N GLY A 188 -13.11 -9.97 2.20
CA GLY A 188 -12.64 -10.42 0.90
C GLY A 188 -12.90 -9.37 -0.17
N ASN A 189 -12.36 -9.64 -1.35
CA ASN A 189 -12.56 -8.76 -2.50
C ASN A 189 -13.44 -9.46 -3.54
N VAL A 190 -13.46 -8.92 -4.76
CA VAL A 190 -14.34 -9.44 -5.81
C VAL A 190 -14.11 -10.93 -6.07
N SER A 191 -12.90 -11.43 -5.81
CA SER A 191 -12.58 -12.83 -6.13
C SER A 191 -13.38 -13.83 -5.32
N ARG A 192 -13.90 -13.45 -4.15
CA ARG A 192 -14.69 -14.39 -3.38
C ARG A 192 -15.96 -14.81 -4.11
N PHE A 193 -16.32 -14.14 -5.19
CA PHE A 193 -17.53 -14.46 -5.94
C PHE A 193 -17.27 -15.27 -7.20
N ILE A 194 -16.02 -15.60 -7.50
CA ILE A 194 -15.71 -16.32 -8.74
C ILE A 194 -16.07 -17.79 -8.57
N ASN A 195 -16.86 -18.32 -9.50
CA ASN A 195 -17.33 -19.69 -9.43
C ASN A 195 -16.32 -20.67 -10.02
N HIS A 196 -16.52 -21.95 -9.70
CA HIS A 196 -15.69 -23.01 -10.22
C HIS A 196 -16.09 -23.35 -11.64
N HIS A 197 -15.09 -23.60 -12.49
CA HIS A 197 -15.32 -24.12 -13.83
C HIS A 197 -14.32 -25.22 -14.11
N CYS A 198 -14.80 -26.31 -14.71
CA CYS A 198 -13.95 -27.46 -15.02
C CYS A 198 -13.01 -27.21 -16.20
N GLU A 199 -13.27 -26.18 -17.02
CA GLU A 199 -12.37 -25.78 -18.10
C GLU A 199 -12.07 -24.29 -17.94
N PRO A 200 -11.31 -23.93 -16.91
CA PRO A 200 -11.33 -22.56 -16.41
C PRO A 200 -10.57 -21.59 -17.29
N ASN A 201 -11.02 -20.33 -17.26
CA ASN A 201 -10.34 -19.27 -18.00
C ASN A 201 -9.42 -18.45 -17.11
N LEU A 202 -9.30 -18.83 -15.83
CA LEU A 202 -8.34 -18.25 -14.89
C LEU A 202 -7.50 -19.35 -14.26
N VAL A 203 -6.24 -19.03 -13.96
CA VAL A 203 -5.35 -19.91 -13.22
C VAL A 203 -4.70 -19.13 -12.08
N PRO A 204 -4.68 -19.67 -10.86
CA PRO A 204 -4.02 -18.96 -9.75
C PRO A 204 -2.52 -19.19 -9.77
N VAL A 205 -1.78 -18.13 -9.46
CA VAL A 205 -0.32 -18.14 -9.44
C VAL A 205 0.16 -17.52 -8.13
N ARG A 206 1.14 -18.17 -7.49
CA ARG A 206 1.70 -17.63 -6.26
CA ARG A 206 1.71 -17.63 -6.25
C ARG A 206 2.73 -16.55 -6.59
N VAL A 207 2.57 -15.36 -6.00
CA VAL A 207 3.38 -14.19 -6.31
C VAL A 207 3.91 -13.57 -5.03
N PHE A 208 5.13 -13.04 -5.10
CA PHE A 208 5.75 -12.32 -3.99
C PHE A 208 6.11 -10.92 -4.44
N MET A 209 5.69 -9.92 -3.66
CA MET A 209 6.01 -8.53 -3.96
C MET A 209 6.75 -7.80 -2.84
N ALA A 210 6.06 -7.39 -1.76
CA ALA A 210 6.73 -6.53 -0.79
C ALA A 210 7.49 -7.34 0.27
N HIS A 211 7.13 -8.60 0.45
CA HIS A 211 7.88 -9.52 1.30
C HIS A 211 8.11 -10.80 0.52
N GLN A 212 9.02 -11.63 1.01
CA GLN A 212 9.29 -12.92 0.38
C GLN A 212 9.19 -14.04 1.40
N ASP A 213 8.31 -13.88 2.39
CA ASP A 213 8.02 -14.94 3.36
C ASP A 213 7.25 -16.04 2.64
N LEU A 214 7.91 -17.17 2.39
CA LEU A 214 7.34 -18.25 1.59
C LEU A 214 6.10 -18.85 2.24
N ARG A 215 5.84 -18.59 3.52
CA ARG A 215 4.61 -19.08 4.12
C ARG A 215 3.40 -18.36 3.56
N PHE A 216 3.55 -17.14 3.04
CA PHE A 216 2.41 -16.32 2.65
C PHE A 216 2.53 -15.82 1.22
N PRO A 217 2.43 -16.70 0.23
CA PRO A 217 2.29 -16.24 -1.15
C PRO A 217 0.98 -15.48 -1.31
N ARG A 218 0.96 -14.55 -2.25
CA ARG A 218 -0.26 -13.88 -2.65
C ARG A 218 -0.76 -14.56 -3.92
N ILE A 219 -2.08 -14.62 -4.06
CA ILE A 219 -2.70 -15.47 -5.08
C ILE A 219 -3.26 -14.58 -6.18
N ALA A 220 -2.65 -14.63 -7.37
CA ALA A 220 -3.01 -13.81 -8.51
C ALA A 220 -3.63 -14.67 -9.59
N PHE A 221 -4.81 -14.29 -10.06
CA PHE A 221 -5.47 -15.00 -11.16
C PHE A 221 -5.06 -14.37 -12.49
N PHE A 222 -4.55 -15.19 -13.39
CA PHE A 222 -4.22 -14.80 -14.75
C PHE A 222 -5.15 -15.52 -15.73
N SER A 223 -5.48 -14.85 -16.82
CA SER A 223 -6.30 -15.47 -17.85
C SER A 223 -5.51 -16.54 -18.60
N THR A 224 -6.16 -17.67 -18.87
CA THR A 224 -5.54 -18.78 -19.58
C THR A 224 -5.77 -18.71 -21.08
N ARG A 225 -6.61 -17.78 -21.53
CA ARG A 225 -6.95 -17.58 -22.93
C ARG A 225 -7.63 -16.22 -23.02
N LEU A 226 -8.04 -15.86 -24.22
CA LEU A 226 -8.87 -14.67 -24.38
C LEU A 226 -10.20 -14.88 -23.65
N ILE A 227 -10.53 -13.97 -22.75
CA ILE A 227 -11.84 -13.92 -22.11
C ILE A 227 -12.63 -12.83 -22.80
N GLU A 228 -13.77 -13.20 -23.39
CA GLU A 228 -14.53 -12.23 -24.15
C GLU A 228 -15.41 -11.38 -23.24
N ALA A 229 -15.74 -10.19 -23.73
CA ALA A 229 -16.69 -9.32 -23.04
C ALA A 229 -17.99 -10.08 -22.79
N GLY A 230 -18.43 -10.09 -21.53
CA GLY A 230 -19.64 -10.78 -21.13
C GLY A 230 -19.42 -12.13 -20.48
N GLU A 231 -18.23 -12.70 -20.62
CA GLU A 231 -17.97 -14.08 -20.20
C GLU A 231 -17.77 -14.17 -18.68
N GLN A 232 -18.31 -15.22 -18.08
CA GLN A 232 -18.12 -15.44 -16.65
C GLN A 232 -16.68 -15.89 -16.36
N LEU A 233 -16.11 -15.35 -15.29
CA LEU A 233 -14.81 -15.81 -14.79
C LEU A 233 -14.95 -17.12 -14.03
N GLY A 234 -13.93 -17.98 -14.16
CA GLY A 234 -13.92 -19.25 -13.45
C GLY A 234 -12.53 -19.78 -13.28
N PHE A 235 -12.29 -20.46 -12.16
CA PHE A 235 -11.07 -21.24 -11.98
C PHE A 235 -11.41 -22.60 -11.39
N ASP A 236 -10.42 -23.48 -11.38
CA ASP A 236 -10.58 -24.84 -10.88
C ASP A 236 -10.41 -24.83 -9.37
N TYR A 237 -11.51 -25.09 -8.65
CA TYR A 237 -11.43 -25.13 -7.19
C TYR A 237 -10.52 -26.24 -6.68
N GLY A 238 -10.38 -27.33 -7.44
CA GLY A 238 -9.50 -28.40 -7.04
C GLY A 238 -10.23 -29.53 -6.32
N GLU A 239 -9.47 -30.56 -5.99
CA GLU A 239 -10.05 -31.81 -5.49
C GLU A 239 -10.50 -31.71 -4.03
N ARG A 240 -9.77 -30.97 -3.19
CA ARG A 240 -10.16 -30.90 -1.78
C ARG A 240 -11.56 -30.30 -1.63
N PHE A 241 -11.88 -29.28 -2.41
CA PHE A 241 -13.22 -28.70 -2.38
C PHE A 241 -14.28 -29.72 -2.76
N TRP A 242 -14.09 -30.38 -3.91
CA TRP A 242 -15.13 -31.27 -4.44
C TRP A 242 -15.22 -32.59 -3.69
N ASP A 243 -14.13 -33.07 -3.08
CA ASP A 243 -14.25 -34.23 -2.20
C ASP A 243 -15.17 -33.95 -1.03
N ILE A 244 -15.26 -32.69 -0.60
CA ILE A 244 -16.12 -32.31 0.52
C ILE A 244 -17.51 -31.92 0.05
N LYS A 245 -17.61 -31.02 -0.93
CA LYS A 245 -18.90 -30.50 -1.36
C LYS A 245 -19.61 -31.39 -2.37
N GLY A 246 -18.89 -32.31 -3.01
CA GLY A 246 -19.53 -33.23 -3.94
C GLY A 246 -20.59 -34.10 -3.29
N LYS A 247 -20.54 -34.24 -1.97
CA LYS A 247 -21.57 -34.97 -1.24
C LYS A 247 -22.87 -34.19 -1.12
N LEU A 248 -22.84 -32.89 -1.39
CA LEU A 248 -23.99 -32.00 -1.24
C LEU A 248 -24.60 -31.56 -2.56
N PHE A 249 -23.78 -31.29 -3.57
CA PHE A 249 -24.27 -30.84 -4.86
C PHE A 249 -23.27 -31.18 -5.94
N SER A 250 -23.77 -31.23 -7.18
CA SER A 250 -22.96 -31.51 -8.35
C SER A 250 -22.52 -30.21 -9.01
N CYS A 251 -21.42 -30.28 -9.76
CA CYS A 251 -20.94 -29.11 -10.48
C CYS A 251 -21.94 -28.71 -11.56
N ARG A 252 -22.23 -27.42 -11.65
CA ARG A 252 -23.15 -26.93 -12.66
C ARG A 252 -22.45 -26.08 -13.71
N CYS A 253 -21.14 -26.27 -13.90
CA CYS A 253 -20.40 -25.43 -14.85
C CYS A 253 -20.88 -25.64 -16.29
N GLY A 254 -21.54 -26.75 -16.57
CA GLY A 254 -22.10 -26.99 -17.89
C GLY A 254 -21.11 -27.30 -18.98
N SER A 255 -19.84 -27.51 -18.63
CA SER A 255 -18.85 -27.84 -19.64
C SER A 255 -19.08 -29.26 -20.16
N PRO A 256 -18.82 -29.50 -21.45
CA PRO A 256 -18.88 -30.87 -21.96
C PRO A 256 -17.88 -31.79 -21.30
N LYS A 257 -16.82 -31.25 -20.70
CA LYS A 257 -15.81 -32.05 -20.02
C LYS A 257 -15.84 -31.86 -18.50
N CYS A 258 -17.03 -31.57 -17.97
CA CYS A 258 -17.19 -31.40 -16.53
C CYS A 258 -16.76 -32.68 -15.80
N ARG A 259 -15.96 -32.51 -14.75
CA ARG A 259 -15.39 -33.63 -14.02
C ARG A 259 -16.04 -33.82 -12.65
N HIS A 260 -17.06 -33.03 -12.33
CA HIS A 260 -17.69 -33.15 -11.01
C HIS A 260 -19.21 -33.11 -11.10
N SER A 261 -19.77 -33.51 -12.23
CA SER A 261 -21.22 -33.59 -12.34
C SER A 261 -21.68 -35.02 -12.15
N GLU B 2 21.34 24.93 -11.79
CA GLU B 2 22.22 24.67 -12.94
C GLU B 2 22.28 23.18 -13.29
N ARG B 3 23.17 22.45 -12.61
CA ARG B 3 23.42 21.05 -12.95
C ARG B 3 22.29 20.17 -12.43
N ILE B 4 21.55 19.55 -13.35
CA ILE B 4 20.55 18.56 -13.00
C ILE B 4 21.28 17.22 -12.80
N VAL B 5 21.38 16.77 -11.55
CA VAL B 5 22.13 15.57 -11.23
C VAL B 5 21.24 14.36 -10.99
N SER B 6 19.92 14.52 -11.01
CA SER B 6 19.00 13.39 -10.99
C SER B 6 17.64 13.86 -11.46
N ARG B 7 17.00 13.09 -12.35
CA ARG B 7 15.66 13.44 -12.79
C ARG B 7 14.61 13.05 -11.74
N ASP B 8 14.89 12.05 -10.91
CA ASP B 8 13.95 11.64 -9.86
C ASP B 8 14.69 10.80 -8.83
N ILE B 9 14.88 11.36 -7.63
CA ILE B 9 15.57 10.59 -6.59
C ILE B 9 14.71 9.43 -6.10
N ALA B 10 13.40 9.48 -6.32
CA ALA B 10 12.51 8.41 -5.88
C ALA B 10 12.36 7.28 -6.90
N ARG B 11 12.99 7.39 -8.06
CA ARG B 11 12.95 6.38 -9.13
CA ARG B 11 12.96 6.35 -9.09
C ARG B 11 11.53 5.91 -9.41
N GLY B 12 10.60 6.86 -9.47
CA GLY B 12 9.23 6.56 -9.84
C GLY B 12 8.29 6.14 -8.72
N TYR B 13 8.76 6.06 -7.47
CA TYR B 13 7.88 5.61 -6.39
C TYR B 13 6.95 6.70 -5.87
N GLU B 14 7.14 7.97 -6.22
CA GLU B 14 6.19 9.01 -5.82
C GLU B 14 5.30 9.37 -7.01
N ARG B 15 4.19 10.05 -6.70
CA ARG B 15 3.23 10.40 -7.76
C ARG B 15 3.80 11.40 -8.74
N ILE B 16 4.81 12.15 -8.35
CA ILE B 16 5.55 13.01 -9.27
C ILE B 16 7.04 12.86 -8.99
N PRO B 17 7.87 13.13 -10.00
CA PRO B 17 9.31 13.00 -9.80
C PRO B 17 9.85 14.06 -8.86
N ILE B 18 10.93 13.72 -8.15
CA ILE B 18 11.63 14.67 -7.29
C ILE B 18 13.04 14.84 -7.84
N PRO B 19 13.28 15.83 -8.71
CA PRO B 19 14.62 16.01 -9.28
C PRO B 19 15.62 16.47 -8.23
N CYS B 20 16.89 16.40 -8.60
CA CYS B 20 17.98 16.92 -7.76
C CYS B 20 18.88 17.79 -8.60
N VAL B 21 19.20 18.99 -8.11
CA VAL B 21 20.05 19.93 -8.81
C VAL B 21 21.14 20.44 -7.89
N ASN B 22 22.26 20.86 -8.48
CA ASN B 22 23.38 21.40 -7.71
C ASN B 22 23.95 22.59 -8.48
N ALA B 23 23.81 23.79 -7.92
CA ALA B 23 24.38 24.99 -8.51
C ALA B 23 25.41 25.64 -7.59
N VAL B 24 25.97 24.87 -6.65
CA VAL B 24 26.90 25.38 -5.65
C VAL B 24 28.28 24.77 -5.81
N ASP B 25 28.37 23.45 -5.84
CA ASP B 25 29.66 22.75 -5.90
C ASP B 25 29.50 21.54 -6.82
N SER B 26 30.45 20.61 -6.72
CA SER B 26 30.49 19.45 -7.61
C SER B 26 30.02 18.16 -6.94
N GLU B 27 29.36 18.26 -5.79
CA GLU B 27 28.86 17.05 -5.14
C GLU B 27 27.82 16.40 -6.03
N PRO B 28 27.91 15.10 -6.29
CA PRO B 28 26.88 14.40 -7.05
C PRO B 28 25.64 14.18 -6.19
N CYS B 29 24.63 13.55 -6.80
CA CYS B 29 23.41 13.24 -6.08
C CYS B 29 23.71 12.35 -4.88
N PRO B 30 23.13 12.63 -3.71
CA PRO B 30 23.34 11.76 -2.55
C PRO B 30 23.00 10.31 -2.86
N SER B 31 23.89 9.40 -2.45
CA SER B 31 23.71 7.99 -2.73
C SER B 31 24.03 7.08 -1.56
N ASN B 32 24.36 7.63 -0.38
CA ASN B 32 24.76 6.83 0.77
C ASN B 32 23.56 6.39 1.61
N TYR B 33 22.38 6.27 1.00
CA TYR B 33 21.18 5.80 1.65
C TYR B 33 20.32 5.11 0.61
N LYS B 34 19.29 4.38 1.06
CA LYS B 34 18.31 3.77 0.17
C LYS B 34 17.02 4.57 0.23
N TYR B 35 16.54 5.03 -0.93
CA TYR B 35 15.27 5.74 -0.97
C TYR B 35 14.13 4.74 -0.84
N VAL B 36 13.26 4.95 0.15
CA VAL B 36 12.02 4.20 0.29
C VAL B 36 10.89 5.21 0.48
N SER B 37 9.75 4.94 -0.14
CA SER B 37 8.63 5.85 -0.07
C SER B 37 7.70 5.57 1.09
N GLN B 38 7.87 4.44 1.78
CA GLN B 38 7.10 4.10 2.97
C GLN B 38 8.05 3.60 4.04
N ASN B 39 7.62 3.71 5.30
CA ASN B 39 8.42 3.26 6.43
C ASN B 39 8.75 1.78 6.28
N CYS B 40 9.93 1.39 6.78
CA CYS B 40 10.37 0.00 6.76
C CYS B 40 10.91 -0.39 8.13
N VAL B 41 11.21 -1.67 8.30
CA VAL B 41 11.83 -2.16 9.52
C VAL B 41 13.01 -3.03 9.14
N THR B 42 13.99 -3.12 10.03
CA THR B 42 14.90 -4.26 9.99
C THR B 42 14.53 -5.28 11.07
N SER B 43 14.73 -4.95 12.33
CA SER B 43 14.28 -5.87 13.36
C SER B 43 12.77 -5.75 13.53
N PRO B 44 12.08 -6.81 13.95
CA PRO B 44 10.61 -6.79 13.92
C PRO B 44 10.01 -5.79 14.89
N MET B 45 8.96 -5.11 14.43
CA MET B 45 8.11 -4.27 15.27
C MET B 45 6.72 -4.89 15.25
N ASN B 46 6.25 -5.34 16.40
CA ASN B 46 4.95 -6.01 16.47
C ASN B 46 3.82 -4.97 16.46
N ILE B 47 3.75 -4.23 15.36
CA ILE B 47 2.64 -3.29 15.17
C ILE B 47 1.33 -4.06 15.16
N ASP B 48 0.36 -3.58 15.93
CA ASP B 48 -0.95 -4.21 15.99
C ASP B 48 -1.70 -3.98 14.69
N ARG B 49 -1.87 -5.04 13.89
CA ARG B 49 -2.56 -4.94 12.61
C ARG B 49 -3.84 -5.78 12.57
N ASN B 50 -4.33 -6.21 13.73
CA ASN B 50 -5.62 -6.87 13.81
C ASN B 50 -6.71 -5.93 13.29
N ILE B 51 -7.39 -6.32 12.21
CA ILE B 51 -8.39 -5.42 11.62
C ILE B 51 -9.55 -5.18 12.58
N THR B 52 -9.85 -6.12 13.47
CA THR B 52 -10.92 -5.89 14.44
C THR B 52 -10.52 -4.94 15.56
N HIS B 53 -9.25 -4.55 15.65
CA HIS B 53 -8.87 -3.57 16.65
C HIS B 53 -9.00 -2.14 16.17
N LEU B 54 -9.38 -1.92 14.91
CA LEU B 54 -9.54 -0.57 14.38
C LEU B 54 -10.86 0.05 14.80
N GLN B 55 -10.80 1.31 15.22
CA GLN B 55 -12.00 2.14 15.26
C GLN B 55 -12.29 2.63 13.86
N TYR B 56 -13.58 2.76 13.54
CA TYR B 56 -13.95 3.11 12.17
C TYR B 56 -15.29 3.81 12.22
N CYS B 57 -15.65 4.41 11.10
CA CYS B 57 -16.92 5.13 11.01
C CYS B 57 -17.91 4.34 10.16
N VAL B 58 -19.19 4.71 10.28
CA VAL B 58 -20.25 4.05 9.54
C VAL B 58 -20.97 5.04 8.62
N CYS B 59 -20.27 6.10 8.23
CA CYS B 59 -20.88 7.15 7.43
C CYS B 59 -21.35 6.62 6.07
N ILE B 60 -22.48 7.16 5.61
CA ILE B 60 -23.00 6.91 4.26
C ILE B 60 -22.79 8.11 3.34
N ASP B 61 -22.34 9.25 3.87
CA ASP B 61 -21.99 10.44 3.11
C ASP B 61 -20.48 10.43 2.84
N ASP B 62 -19.90 11.58 2.52
CA ASP B 62 -18.45 11.70 2.31
C ASP B 62 -17.68 12.03 3.59
N CYS B 63 -18.22 11.68 4.76
CA CYS B 63 -17.53 11.89 6.05
C CYS B 63 -17.36 13.38 6.36
N SER B 64 -18.35 14.18 6.03
CA SER B 64 -18.34 15.59 6.42
C SER B 64 -19.25 15.90 7.61
N SER B 65 -20.00 14.91 8.09
N SER B 65 -20.00 14.91 8.09
CA SER B 65 -20.83 15.16 9.26
CA SER B 65 -20.85 15.12 9.27
C SER B 65 -20.01 15.02 10.54
C SER B 65 -20.03 14.98 10.55
N SER B 66 -20.52 15.64 11.60
CA SER B 66 -19.87 15.56 12.91
CA SER B 66 -19.86 15.57 12.90
C SER B 66 -20.02 14.21 13.56
N ASN B 67 -20.89 13.35 13.04
CA ASN B 67 -21.06 11.99 13.54
C ASN B 67 -19.98 11.02 13.05
N CYS B 68 -19.05 11.46 12.20
CA CYS B 68 -18.01 10.55 11.74
C CYS B 68 -17.09 10.21 12.91
N MET B 69 -17.02 8.91 13.25
CA MET B 69 -16.20 8.49 14.39
C MET B 69 -14.74 8.88 14.20
N CYS B 70 -14.25 8.84 12.96
CA CYS B 70 -12.84 9.15 12.71
C CYS B 70 -12.57 10.64 12.88
N GLY B 71 -13.51 11.49 12.46
CA GLY B 71 -13.44 12.89 12.82
C GLY B 71 -13.46 13.12 14.32
N GLN B 72 -14.29 12.36 15.04
CA GLN B 72 -14.38 12.55 16.48
C GLN B 72 -13.08 12.13 17.18
N LEU B 73 -12.44 11.06 16.70
CA LEU B 73 -11.14 10.67 17.24
C LEU B 73 -10.10 11.75 17.00
N SER B 74 -10.21 12.49 15.90
CA SER B 74 -9.30 13.59 15.56
C SER B 74 -9.68 14.90 16.25
N MET B 75 -10.69 14.84 17.11
CA MET B 75 -11.46 15.91 17.74
C MET B 75 -12.42 16.57 16.78
N ARG B 76 -12.10 16.57 15.49
CA ARG B 76 -12.97 16.96 14.38
C ARG B 76 -12.15 16.68 13.13
N CYS B 77 -12.83 16.53 12.01
CA CYS B 77 -12.09 16.40 10.77
C CYS B 77 -11.48 17.75 10.44
N TRP B 78 -10.16 17.82 10.30
CA TRP B 78 -9.48 19.10 10.10
C TRP B 78 -9.28 19.44 8.63
N TYR B 79 -9.77 18.61 7.72
CA TYR B 79 -9.55 18.79 6.29
C TYR B 79 -10.73 19.51 5.65
N ASP B 80 -10.43 20.56 4.88
CA ASP B 80 -11.48 21.30 4.17
C ASP B 80 -11.75 20.63 2.83
N LYS B 81 -12.57 21.27 2.00
CA LYS B 81 -13.02 20.65 0.74
C LYS B 81 -11.86 20.33 -0.20
N ASP B 82 -10.71 20.98 -0.03
CA ASP B 82 -9.56 20.75 -0.88
C ASP B 82 -8.48 19.93 -0.20
N GLY B 83 -8.76 19.35 0.96
CA GLY B 83 -7.78 18.56 1.66
C GLY B 83 -6.78 19.34 2.49
N ARG B 84 -7.03 20.62 2.76
CA ARG B 84 -6.13 21.44 3.56
C ARG B 84 -6.66 21.62 4.98
N LEU B 85 -5.72 21.72 5.93
CA LEU B 85 -6.09 21.94 7.32
C LEU B 85 -6.90 23.22 7.47
N LEU B 86 -7.92 23.17 8.32
CA LEU B 86 -8.73 24.35 8.58
C LEU B 86 -7.87 25.47 9.18
N PRO B 87 -8.29 26.74 8.98
CA PRO B 87 -7.52 27.86 9.54
C PRO B 87 -7.34 27.80 11.05
N GLU B 88 -8.24 27.14 11.77
CA GLU B 88 -8.18 27.10 13.22
C GLU B 88 -7.31 25.96 13.74
N PHE B 89 -6.67 25.20 12.85
CA PHE B 89 -5.82 24.10 13.29
C PHE B 89 -4.72 24.64 14.20
N ASN B 90 -4.54 23.99 15.34
CA ASN B 90 -3.53 24.42 16.32
C ASN B 90 -2.15 24.00 15.84
N MET B 91 -1.46 24.92 15.13
CA MET B 91 -0.11 24.62 14.63
C MET B 91 0.91 24.53 15.75
N ALA B 92 0.66 25.17 16.90
CA ALA B 92 1.63 25.16 18.00
C ALA B 92 1.59 23.85 18.78
N GLU B 93 0.41 23.23 18.91
CA GLU B 93 0.26 21.95 19.59
C GLU B 93 -0.73 21.11 18.80
N PRO B 94 -0.27 20.50 17.70
CA PRO B 94 -1.20 19.80 16.81
C PRO B 94 -1.84 18.62 17.52
N PRO B 95 -3.09 18.33 17.20
CA PRO B 95 -3.72 17.08 17.66
C PRO B 95 -3.27 15.91 16.80
N LEU B 96 -3.63 14.72 17.26
CA LEU B 96 -3.50 13.52 16.42
C LEU B 96 -4.61 13.52 15.38
N ILE B 97 -4.29 13.08 14.18
CA ILE B 97 -5.27 12.94 13.12
C ILE B 97 -5.50 11.45 12.87
N PHE B 98 -6.77 11.04 12.95
CA PHE B 98 -7.19 9.70 12.56
C PHE B 98 -7.90 9.81 11.21
N GLU B 99 -7.22 9.37 10.14
CA GLU B 99 -7.87 9.31 8.85
C GLU B 99 -8.73 8.07 8.78
N CYS B 100 -9.64 8.06 7.81
CA CYS B 100 -10.46 6.87 7.59
C CYS B 100 -9.61 5.74 7.03
N ASN B 101 -10.10 4.52 7.22
CA ASN B 101 -9.31 3.34 6.91
C ASN B 101 -10.21 2.31 6.23
N HIS B 102 -9.65 1.13 5.98
CA HIS B 102 -10.34 0.09 5.25
C HIS B 102 -11.42 -0.60 6.06
N ALA B 103 -11.52 -0.36 7.36
CA ALA B 103 -12.66 -0.87 8.14
C ALA B 103 -13.88 0.05 8.10
N CYS B 104 -13.69 1.32 7.75
CA CYS B 104 -14.80 2.26 7.63
C CYS B 104 -15.72 1.88 6.50
N SER B 105 -16.98 2.30 6.63
CA SER B 105 -17.98 2.01 5.61
CA SER B 105 -18.01 2.03 5.63
C SER B 105 -17.98 3.02 4.49
N CYS B 106 -17.23 4.11 4.61
CA CYS B 106 -17.22 5.16 3.60
C CYS B 106 -16.43 4.74 2.37
N TRP B 107 -16.43 5.60 1.37
CA TRP B 107 -15.76 5.39 0.11
C TRP B 107 -14.31 5.87 0.18
N ARG B 108 -13.48 5.32 -0.70
CA ARG B 108 -12.05 5.63 -0.69
C ARG B 108 -11.78 7.11 -0.98
N ASN B 109 -12.74 7.84 -1.55
CA ASN B 109 -12.57 9.25 -1.86
C ASN B 109 -13.27 10.16 -0.84
N CYS B 110 -13.50 9.69 0.39
CA CYS B 110 -14.16 10.53 1.38
C CYS B 110 -13.24 11.69 1.81
N ARG B 111 -13.84 12.64 2.53
CA ARG B 111 -13.15 13.87 2.91
C ARG B 111 -11.96 13.61 3.84
N ASN B 112 -12.02 12.55 4.65
CA ASN B 112 -11.07 12.35 5.74
C ASN B 112 -9.90 11.45 5.31
N ARG B 113 -9.30 11.75 4.16
CA ARG B 113 -8.20 10.96 3.59
C ARG B 113 -7.33 11.94 2.82
N VAL B 114 -6.18 12.27 3.38
CA VAL B 114 -5.25 13.21 2.74
C VAL B 114 -3.85 12.61 2.71
N VAL B 115 -3.34 12.27 3.89
CA VAL B 115 -1.98 11.75 4.00
C VAL B 115 -1.87 10.41 3.29
N GLN B 116 -2.92 9.59 3.34
CA GLN B 116 -2.87 8.29 2.70
C GLN B 116 -2.89 8.38 1.17
N ASN B 117 -3.16 9.55 0.59
CA ASN B 117 -3.09 9.70 -0.85
C ASN B 117 -1.70 10.09 -1.34
N GLY B 118 -0.75 10.32 -0.44
CA GLY B 118 0.64 10.45 -0.83
C GLY B 118 1.03 11.85 -1.27
N LEU B 119 2.31 11.97 -1.59
CA LEU B 119 2.91 13.24 -1.95
C LEU B 119 2.30 13.77 -3.24
N ARG B 120 1.98 15.06 -3.26
CA ARG B 120 1.42 15.67 -4.47
C ARG B 120 2.21 16.89 -4.90
N ALA B 121 2.83 17.61 -3.96
CA ALA B 121 3.55 18.83 -4.32
C ALA B 121 4.79 18.53 -5.12
N ARG B 122 5.13 19.44 -6.02
CA ARG B 122 6.34 19.30 -6.83
CA ARG B 122 6.34 19.33 -6.84
C ARG B 122 7.52 19.86 -6.04
N LEU B 123 8.35 18.97 -5.52
CA LEU B 123 9.51 19.35 -4.73
C LEU B 123 10.79 19.13 -5.53
N GLN B 124 11.90 19.61 -4.97
CA GLN B 124 13.21 19.43 -5.59
C GLN B 124 14.28 19.39 -4.52
N LEU B 125 15.13 18.37 -4.57
CA LEU B 125 16.33 18.33 -3.74
C LEU B 125 17.38 19.23 -4.38
N TYR B 126 18.00 20.10 -3.58
CA TYR B 126 19.01 20.99 -4.16
C TYR B 126 20.15 21.22 -3.17
N ARG B 127 21.27 21.70 -3.70
CA ARG B 127 22.46 21.98 -2.90
C ARG B 127 22.38 23.40 -2.35
N THR B 128 22.40 23.55 -1.02
CA THR B 128 22.41 24.87 -0.42
C THR B 128 23.85 25.39 -0.32
N ARG B 129 23.97 26.68 0.01
CA ARG B 129 25.29 27.29 0.17
C ARG B 129 25.96 26.93 1.48
N ASP B 130 25.19 26.68 2.54
CA ASP B 130 25.73 26.67 3.90
C ASP B 130 25.31 25.50 4.78
N MET B 131 24.33 24.69 4.38
CA MET B 131 23.91 23.59 5.23
C MET B 131 23.67 22.32 4.43
N GLY B 132 24.48 22.09 3.40
CA GLY B 132 24.41 20.86 2.63
C GLY B 132 23.20 20.79 1.71
N TRP B 133 22.57 19.62 1.65
CA TRP B 133 21.40 19.45 0.80
C TRP B 133 20.16 19.98 1.50
N GLY B 134 19.23 20.51 0.70
CA GLY B 134 17.93 20.93 1.20
C GLY B 134 16.86 20.58 0.19
N VAL B 135 15.61 20.82 0.59
CA VAL B 135 14.44 20.57 -0.24
C VAL B 135 13.70 21.89 -0.42
N ARG B 136 13.32 22.20 -1.67
CA ARG B 136 12.51 23.37 -1.96
C ARG B 136 11.26 22.96 -2.72
N SER B 137 10.27 23.84 -2.71
CA SER B 137 9.07 23.66 -3.51
C SER B 137 9.24 24.34 -4.86
N LEU B 138 8.81 23.66 -5.93
CA LEU B 138 8.82 24.24 -7.26
C LEU B 138 7.51 24.97 -7.60
N GLN B 139 6.54 24.94 -6.69
CA GLN B 139 5.24 25.56 -6.91
C GLN B 139 4.82 26.28 -5.64
N ASP B 140 3.82 27.15 -5.78
CA ASP B 140 3.18 27.72 -4.60
C ASP B 140 2.43 26.63 -3.84
N ILE B 141 2.58 26.61 -2.52
CA ILE B 141 1.86 25.67 -1.66
C ILE B 141 0.99 26.47 -0.69
N PRO B 142 -0.33 26.39 -0.80
CA PRO B 142 -1.21 27.16 0.10
C PRO B 142 -1.07 26.69 1.55
N PRO B 143 -1.51 27.51 2.51
CA PRO B 143 -1.45 27.11 3.92
C PRO B 143 -2.28 25.85 4.18
N GLY B 144 -1.76 25.00 5.07
CA GLY B 144 -2.49 23.81 5.49
C GLY B 144 -2.43 22.64 4.53
N THR B 145 -1.52 22.68 3.56
CA THR B 145 -1.39 21.60 2.58
C THR B 145 -0.45 20.52 3.12
N PHE B 146 -0.82 19.25 2.90
CA PHE B 146 0.09 18.16 3.17
C PHE B 146 1.25 18.19 2.18
N VAL B 147 2.48 18.22 2.69
CA VAL B 147 3.63 18.34 1.81
C VAL B 147 4.31 16.99 1.62
N CYS B 148 4.71 16.35 2.72
CA CYS B 148 5.40 15.06 2.64
C CYS B 148 5.41 14.42 4.02
N GLU B 149 5.71 13.13 4.05
CA GLU B 149 5.79 12.36 5.28
C GLU B 149 7.26 12.13 5.64
N TYR B 150 7.56 12.08 6.95
CA TYR B 150 8.91 11.72 7.39
C TYR B 150 9.01 10.20 7.42
N VAL B 151 9.70 9.64 6.45
CA VAL B 151 9.73 8.20 6.22
C VAL B 151 11.12 7.66 6.54
N GLY B 152 11.18 6.49 7.16
CA GLY B 152 12.46 5.91 7.46
C GLY B 152 12.33 4.52 8.05
N GLU B 153 13.37 4.11 8.77
CA GLU B 153 13.42 2.81 9.43
C GLU B 153 12.89 2.97 10.86
N LEU B 154 11.89 2.18 11.22
CA LEU B 154 11.32 2.23 12.57
C LEU B 154 12.19 1.42 13.52
N ILE B 155 12.70 2.05 14.58
CA ILE B 155 13.60 1.39 15.52
C ILE B 155 13.20 1.71 16.96
N SER B 156 13.58 0.81 17.87
CA SER B 156 13.34 1.01 19.29
C SER B 156 14.32 2.01 19.88
N ASP B 157 14.02 2.44 21.11
CA ASP B 157 14.94 3.34 21.78
C ASP B 157 16.25 2.65 22.12
N SER B 158 16.21 1.37 22.49
CA SER B 158 17.45 0.65 22.73
C SER B 158 18.35 0.66 21.51
N GLU B 159 17.77 0.49 20.32
CA GLU B 159 18.55 0.48 19.09
C GLU B 159 19.09 1.86 18.76
N ALA B 160 18.26 2.90 18.95
CA ALA B 160 18.69 4.26 18.66
C ALA B 160 19.84 4.69 19.55
N ASP B 161 19.90 4.22 20.78
CA ASP B 161 20.95 4.62 21.71
C ASP B 161 22.31 4.06 21.34
N VAL B 162 22.38 3.10 20.41
CA VAL B 162 23.65 2.51 19.99
C VAL B 162 23.98 2.81 18.54
N ARG B 163 23.27 3.76 17.91
CA ARG B 163 23.57 4.16 16.55
C ARG B 163 24.53 5.34 16.56
N GLU B 164 25.59 5.25 15.76
CA GLU B 164 26.63 6.28 15.76
C GLU B 164 26.10 7.60 15.21
N GLU B 165 25.23 7.55 14.22
CA GLU B 165 24.69 8.75 13.58
C GLU B 165 23.28 9.01 14.09
N ASP B 166 23.06 10.18 14.70
CA ASP B 166 21.76 10.55 15.24
C ASP B 166 21.15 11.75 14.54
N SER B 167 21.71 12.20 13.42
CA SER B 167 21.23 13.39 12.74
C SER B 167 19.94 13.16 11.95
N TYR B 168 19.51 11.90 11.76
CA TYR B 168 18.31 11.63 10.98
C TYR B 168 17.22 10.96 11.80
N LEU B 169 17.25 11.13 13.12
CA LEU B 169 16.25 10.53 14.00
C LEU B 169 15.05 11.46 14.16
N PHE B 170 13.85 10.89 14.08
CA PHE B 170 12.63 11.59 14.47
C PHE B 170 11.97 10.81 15.60
N ASP B 171 11.89 11.43 16.76
CA ASP B 171 11.36 10.77 17.95
C ASP B 171 9.84 10.64 17.87
N LEU B 172 9.33 9.44 18.13
CA LEU B 172 7.91 9.23 18.37
C LEU B 172 7.75 9.06 19.88
N ASP B 173 7.69 10.21 20.58
CA ASP B 173 7.96 10.25 22.01
C ASP B 173 6.94 9.44 22.81
N ASN B 174 7.27 9.26 24.09
CA ASN B 174 6.73 8.19 24.92
C ASN B 174 5.23 8.35 25.15
N LYS B 175 4.44 7.52 24.46
CA LYS B 175 3.05 7.33 24.84
C LYS B 175 2.90 6.42 26.06
N ASP B 176 3.89 5.58 26.30
CA ASP B 176 3.96 4.70 27.46
C ASP B 176 5.43 4.51 27.80
N GLY B 177 5.75 3.45 28.57
CA GLY B 177 7.14 3.13 28.82
C GLY B 177 7.94 2.94 27.55
N GLU B 178 7.34 2.30 26.54
CA GLU B 178 8.01 2.08 25.27
C GLU B 178 8.04 3.36 24.44
N VAL B 179 9.17 3.61 23.79
CA VAL B 179 9.30 4.76 22.90
C VAL B 179 10.12 4.34 21.68
N TYR B 180 9.73 4.87 20.52
CA TYR B 180 10.31 4.49 19.25
C TYR B 180 10.68 5.74 18.46
N CYS B 181 11.49 5.56 17.42
N CYS B 181 11.51 5.55 17.44
CA CYS B 181 11.83 6.69 16.57
CA CYS B 181 11.92 6.64 16.56
C CYS B 181 11.99 6.20 15.14
C CYS B 181 11.84 6.18 15.11
N ILE B 182 11.93 7.15 14.21
CA ILE B 182 12.14 6.89 12.80
C ILE B 182 13.56 7.33 12.50
N ASP B 183 14.40 6.41 12.05
CA ASP B 183 15.77 6.73 11.65
C ASP B 183 15.82 6.73 10.13
N ALA B 184 16.09 7.90 9.54
CA ALA B 184 16.17 8.01 8.09
C ALA B 184 17.60 7.99 7.56
N ARG B 185 18.57 7.62 8.41
CA ARG B 185 19.96 7.62 7.97
C ARG B 185 20.20 6.62 6.85
N PHE B 186 19.71 5.40 7.00
CA PHE B 186 20.03 4.35 6.04
C PHE B 186 18.92 4.10 5.03
N TYR B 187 17.69 4.33 5.45
CA TYR B 187 16.49 4.22 4.62
C TYR B 187 15.66 5.47 4.86
N GLY B 188 15.28 6.16 3.80
CA GLY B 188 14.46 7.35 3.99
C GLY B 188 13.96 7.86 2.67
N ASN B 189 13.13 8.91 2.75
CA ASN B 189 12.57 9.56 1.57
C ASN B 189 13.06 11.01 1.53
N VAL B 190 12.42 11.82 0.68
CA VAL B 190 12.85 13.20 0.50
C VAL B 190 12.92 13.97 1.82
N SER B 191 12.10 13.61 2.80
CA SER B 191 12.05 14.39 4.05
CA SER B 191 12.05 14.39 4.05
C SER B 191 13.37 14.35 4.81
N ARG B 192 14.22 13.35 4.58
CA ARG B 192 15.48 13.29 5.29
C ARG B 192 16.41 14.44 4.93
N PHE B 193 16.09 15.21 3.91
CA PHE B 193 16.93 16.33 3.49
C PHE B 193 16.36 17.69 3.89
N ILE B 194 15.29 17.73 4.66
CA ILE B 194 14.69 19.00 5.07
C ILE B 194 15.49 19.56 6.25
N ASN B 195 15.95 20.79 6.10
CA ASN B 195 16.76 21.46 7.11
C ASN B 195 15.90 22.15 8.16
N HIS B 196 16.53 22.48 9.29
CA HIS B 196 15.86 23.18 10.38
C HIS B 196 15.70 24.66 10.07
N HIS B 197 14.57 25.22 10.47
CA HIS B 197 14.33 26.66 10.41
C HIS B 197 13.66 27.08 11.70
N CYS B 198 14.11 28.20 12.27
CA CYS B 198 13.55 28.66 13.54
C CYS B 198 12.17 29.27 13.39
N GLU B 199 11.79 29.68 12.18
CA GLU B 199 10.43 30.14 11.88
C GLU B 199 9.87 29.26 10.78
N PRO B 200 9.50 28.02 11.10
CA PRO B 200 9.35 26.99 10.08
C PRO B 200 8.11 27.15 9.22
N ASN B 201 8.24 26.80 7.94
CA ASN B 201 7.05 26.77 7.08
C ASN B 201 6.37 25.41 7.04
N LEU B 202 6.89 24.41 7.76
CA LEU B 202 6.23 23.12 7.93
C LEU B 202 6.10 22.79 9.41
N VAL B 203 5.05 22.05 9.74
CA VAL B 203 4.87 21.52 11.09
C VAL B 203 4.58 20.02 10.99
N PRO B 204 5.21 19.18 11.81
CA PRO B 204 4.90 17.76 11.78
C PRO B 204 3.63 17.45 12.57
N VAL B 205 2.82 16.54 12.05
CA VAL B 205 1.56 16.14 12.66
C VAL B 205 1.56 14.62 12.74
N ARG B 206 1.12 14.08 13.87
CA ARG B 206 1.00 12.62 14.02
C ARG B 206 -0.32 12.15 13.41
N VAL B 207 -0.25 11.12 12.57
CA VAL B 207 -1.38 10.65 11.78
C VAL B 207 -1.47 9.13 11.87
N PHE B 208 -2.70 8.61 11.96
CA PHE B 208 -2.95 7.18 11.90
C PHE B 208 -3.82 6.90 10.69
N MET B 209 -3.41 5.91 9.89
CA MET B 209 -4.20 5.52 8.72
C MET B 209 -4.59 4.06 8.71
N ALA B 210 -3.67 3.13 8.41
CA ALA B 210 -4.07 1.74 8.22
C ALA B 210 -4.04 0.94 9.52
N HIS B 211 -3.31 1.40 10.52
CA HIS B 211 -3.36 0.84 11.85
C HIS B 211 -3.57 1.98 12.83
N GLN B 212 -3.98 1.64 14.06
CA GLN B 212 -4.11 2.61 15.13
C GLN B 212 -3.28 2.20 16.34
N ASP B 213 -2.10 1.64 16.08
CA ASP B 213 -1.16 1.31 17.15
C ASP B 213 -0.50 2.63 17.58
N LEU B 214 -0.88 3.13 18.76
CA LEU B 214 -0.49 4.47 19.17
C LEU B 214 1.00 4.60 19.47
N ARG B 215 1.74 3.49 19.55
CA ARG B 215 3.19 3.59 19.62
C ARG B 215 3.81 4.06 18.32
N PHE B 216 3.09 3.96 17.21
CA PHE B 216 3.68 4.16 15.87
C PHE B 216 2.87 5.14 15.02
N PRO B 217 2.78 6.40 15.45
CA PRO B 217 2.20 7.42 14.57
C PRO B 217 3.08 7.63 13.35
N ARG B 218 2.47 8.05 12.25
CA ARG B 218 3.21 8.48 11.09
C ARG B 218 3.30 10.00 11.09
N ILE B 219 4.42 10.52 10.60
CA ILE B 219 4.76 11.94 10.74
C ILE B 219 4.51 12.63 9.40
N ALA B 220 3.50 13.52 9.37
CA ALA B 220 3.12 14.22 8.14
C ALA B 220 3.45 15.71 8.29
N PHE B 221 4.15 16.28 7.32
CA PHE B 221 4.45 17.69 7.34
C PHE B 221 3.37 18.46 6.57
N PHE B 222 2.79 19.46 7.23
CA PHE B 222 1.84 20.37 6.63
C PHE B 222 2.41 21.78 6.62
N SER B 223 2.08 22.54 5.58
CA SER B 223 2.55 23.91 5.48
C SER B 223 1.83 24.80 6.50
N THR B 224 2.59 25.67 7.16
CA THR B 224 2.06 26.60 8.14
C THR B 224 1.63 27.92 7.53
N ARG B 225 1.94 28.15 6.26
CA ARG B 225 1.66 29.41 5.59
CA ARG B 225 1.65 29.40 5.59
C ARG B 225 1.76 29.17 4.09
N LEU B 226 1.57 30.24 3.32
CA LEU B 226 1.79 30.16 1.88
C LEU B 226 3.28 30.03 1.61
N ILE B 227 3.68 28.91 1.00
CA ILE B 227 5.07 28.67 0.61
C ILE B 227 5.19 29.01 -0.87
N GLU B 228 5.97 30.04 -1.19
CA GLU B 228 6.09 30.46 -2.57
C GLU B 228 7.02 29.52 -3.35
N ALA B 229 6.81 29.49 -4.66
CA ALA B 229 7.65 28.68 -5.53
C ALA B 229 9.12 29.07 -5.36
N GLY B 230 9.98 28.05 -5.19
CA GLY B 230 11.40 28.28 -4.99
C GLY B 230 11.84 28.28 -3.53
N GLU B 231 10.90 28.39 -2.59
CA GLU B 231 11.22 28.50 -1.18
C GLU B 231 11.70 27.18 -0.60
N GLN B 232 12.76 27.24 0.20
CA GLN B 232 13.22 26.05 0.91
C GLN B 232 12.23 25.65 2.01
N LEU B 233 12.04 24.35 2.16
CA LEU B 233 11.21 23.79 3.22
C LEU B 233 12.01 23.71 4.53
N GLY B 234 11.31 23.87 5.65
CA GLY B 234 11.95 23.79 6.94
C GLY B 234 10.95 23.49 8.05
N PHE B 235 11.42 22.79 9.08
CA PHE B 235 10.64 22.58 10.29
C PHE B 235 11.57 22.71 11.49
N ASP B 236 10.97 22.79 12.67
CA ASP B 236 11.71 23.01 13.91
C ASP B 236 12.21 21.66 14.43
N TYR B 237 13.52 21.47 14.43
CA TYR B 237 14.07 20.19 14.88
C TYR B 237 13.81 19.94 16.36
N GLY B 238 13.64 20.99 17.15
CA GLY B 238 13.33 20.82 18.56
C GLY B 238 14.57 20.95 19.43
N GLU B 239 14.34 20.80 20.74
CA GLU B 239 15.38 21.11 21.71
C GLU B 239 16.32 19.94 21.98
N ARG B 240 15.85 18.70 21.87
CA ARG B 240 16.75 17.57 22.06
C ARG B 240 17.87 17.59 21.03
N PHE B 241 17.54 17.92 19.78
CA PHE B 241 18.56 18.03 18.74
C PHE B 241 19.59 19.11 19.11
N TRP B 242 19.12 20.33 19.37
CA TRP B 242 20.04 21.45 19.54
C TRP B 242 20.80 21.37 20.86
N ASP B 243 20.24 20.71 21.88
CA ASP B 243 20.99 20.50 23.12
C ASP B 243 22.18 19.58 22.91
N ILE B 244 22.17 18.79 21.85
CA ILE B 244 23.26 17.87 21.53
C ILE B 244 24.16 18.46 20.44
N LYS B 245 23.55 18.96 19.36
CA LYS B 245 24.33 19.46 18.22
C LYS B 245 24.76 20.90 18.39
N GLY B 246 24.18 21.64 19.34
CA GLY B 246 24.63 22.99 19.61
C GLY B 246 26.06 23.07 20.08
N LYS B 247 26.60 21.97 20.63
CA LYS B 247 27.98 21.95 21.06
C LYS B 247 28.95 21.97 19.89
N LEU B 248 28.49 21.60 18.68
CA LEU B 248 29.35 21.44 17.52
C LEU B 248 29.21 22.56 16.51
N PHE B 249 28.00 23.03 16.22
CA PHE B 249 27.78 24.09 15.26
C PHE B 249 26.56 24.89 15.68
N SER B 250 26.39 26.05 15.05
CA SER B 250 25.27 26.94 15.34
C SER B 250 24.27 26.91 14.18
N CYS B 251 23.08 27.44 14.44
CA CYS B 251 22.05 27.45 13.41
C CYS B 251 22.36 28.48 12.34
N ARG B 252 22.06 28.12 11.09
CA ARG B 252 22.31 28.99 9.95
C ARG B 252 21.01 29.25 9.18
N CYS B 253 19.86 29.17 9.86
CA CYS B 253 18.59 29.39 9.19
C CYS B 253 18.46 30.81 8.65
N GLY B 254 19.26 31.75 9.17
CA GLY B 254 19.24 33.12 8.70
C GLY B 254 18.07 33.95 9.18
N SER B 255 17.14 33.37 9.94
CA SER B 255 15.98 34.12 10.39
C SER B 255 16.40 35.17 11.42
N PRO B 256 15.82 36.37 11.37
CA PRO B 256 16.10 37.36 12.42
C PRO B 256 15.59 36.94 13.79
N LYS B 257 14.78 35.88 13.87
CA LYS B 257 14.29 35.34 15.13
C LYS B 257 14.96 34.02 15.47
N CYS B 258 16.18 33.82 14.99
CA CYS B 258 16.88 32.56 15.21
C CYS B 258 17.23 32.37 16.68
N ARG B 259 17.02 31.16 17.18
CA ARG B 259 17.16 30.86 18.60
C ARG B 259 18.35 29.93 18.90
N HIS B 260 19.17 29.59 17.89
CA HIS B 260 20.24 28.63 18.11
C HIS B 260 21.54 29.07 17.43
N SER B 261 21.77 30.37 17.31
CA SER B 261 23.01 30.86 16.73
C SER B 261 23.58 31.96 17.60
#